data_3PSL
#
_entry.id   3PSL
#
_cell.length_a   45.947
_cell.length_b   48.614
_cell.length_c   63.308
_cell.angle_alpha   98.79
_cell.angle_beta   90.95
_cell.angle_gamma   117.48
#
_symmetry.space_group_name_H-M   'P 1'
#
loop_
_entity.id
_entity.type
_entity.pdbx_description
1 polymer 'WD repeat-containing protein 5'
2 polymer 'N-alpha acetylated form of histone H3'
3 water water
#
loop_
_entity_poly.entity_id
_entity_poly.type
_entity_poly.pdbx_seq_one_letter_code
_entity_poly.pdbx_strand_id
1 'polypeptide(L)'
;GAMGSSATQSKPTPVKPNYALKFTLAGHTKAVSSVKFSPNGEWLASSSADKLIKIWGAYDGKFEKTISGHKLGISDVAWS
SDSNLLVSASDDKTLKIWDVSSGKCLKTLKGHSNYVFCCNFNPQSNLIVSGSFDESVRIWDVKTGKCLKTLPAHSDPVSA
VHFNRDGSLIVSSSYDGLCRIWDTASGQCLKTLIDDDNPPVSFVKFSPNGKYILAATLDNTLKLWDYSKGKCLKTYTGHK
NEKYCIFANFSVTGGKWIVSGSEDNLVYIWNLQTKEIVQKLQGHTDVVISTACHPTENIIASAALENDKTIKLWKSDC
;
A,B
2 'polypeptide(L)' (ACE)ARTKQ C,D
#
# COMPACT_ATOMS: atom_id res chain seq x y z
N LYS A 16 -15.83 -38.51 -3.64
CA LYS A 16 -14.34 -38.20 -3.33
C LYS A 16 -13.42 -38.48 -4.52
N PRO A 17 -12.32 -37.70 -4.65
CA PRO A 17 -11.34 -38.04 -5.66
C PRO A 17 -10.44 -39.16 -5.10
N ASN A 18 -9.56 -39.69 -5.93
CA ASN A 18 -8.59 -40.68 -5.49
C ASN A 18 -7.19 -40.38 -6.01
N TYR A 19 -6.73 -39.15 -5.79
CA TYR A 19 -5.36 -38.82 -6.18
C TYR A 19 -4.28 -39.75 -5.61
N ALA A 20 -3.34 -40.13 -6.48
CA ALA A 20 -2.31 -41.07 -6.19
C ALA A 20 -1.06 -40.43 -6.70
N LEU A 21 0.04 -40.59 -5.97
CA LEU A 21 1.31 -40.00 -6.41
C LEU A 21 1.77 -40.65 -7.71
N LYS A 22 2.15 -39.82 -8.69
CA LYS A 22 2.61 -40.36 -9.97
C LYS A 22 4.10 -40.14 -10.08
N PHE A 23 4.58 -38.92 -9.82
CA PHE A 23 5.98 -38.58 -10.01
C PHE A 23 6.46 -37.63 -8.95
N THR A 24 7.72 -37.71 -8.56
CA THR A 24 8.40 -36.63 -7.80
C THR A 24 9.44 -35.99 -8.69
N LEU A 25 9.43 -34.65 -8.74
CA LEU A 25 10.32 -33.91 -9.62
C LEU A 25 11.38 -33.22 -8.74
N ALA A 26 12.62 -33.71 -8.80
CA ALA A 26 13.69 -33.14 -7.98
C ALA A 26 14.58 -32.34 -8.83
N GLY A 27 15.24 -31.34 -8.25
CA GLY A 27 16.16 -30.58 -9.10
C GLY A 27 16.37 -29.19 -8.61
N HIS A 28 15.33 -28.53 -8.03
CA HIS A 28 15.64 -27.27 -7.39
C HIS A 28 16.55 -27.49 -6.13
N THR A 29 17.39 -26.53 -5.88
CA THR A 29 18.37 -26.73 -4.79
C THR A 29 18.00 -25.95 -3.55
N LYS A 30 16.88 -25.19 -3.58
CA LYS A 30 16.32 -24.54 -2.37
C LYS A 30 14.83 -24.70 -2.40
N ALA A 31 14.13 -24.16 -1.37
CA ALA A 31 12.67 -24.25 -1.32
C ALA A 31 12.03 -23.89 -2.63
N VAL A 32 11.00 -24.64 -3.04
CA VAL A 32 10.23 -24.30 -4.20
C VAL A 32 9.19 -23.26 -3.71
N SER A 33 8.90 -22.24 -4.51
CA SER A 33 7.93 -21.27 -4.09
C SER A 33 6.56 -21.36 -4.82
N SER A 34 6.55 -21.80 -6.09
CA SER A 34 5.24 -21.76 -6.83
C SER A 34 5.39 -22.77 -7.99
N VAL A 35 4.29 -23.46 -8.25
CA VAL A 35 4.14 -24.29 -9.41
C VAL A 35 2.83 -23.91 -10.16
N LYS A 36 2.92 -23.84 -11.49
CA LYS A 36 1.73 -23.47 -12.29
C LYS A 36 1.74 -24.29 -13.60
N PHE A 37 0.58 -24.80 -13.97
CA PHE A 37 0.46 -25.49 -15.29
C PHE A 37 0.23 -24.48 -16.41
N SER A 38 0.86 -24.70 -17.55
CA SER A 38 0.53 -23.85 -18.72
C SER A 38 -0.97 -24.06 -19.12
N PRO A 39 -1.60 -23.01 -19.60
CA PRO A 39 -2.99 -23.08 -20.06
C PRO A 39 -3.24 -24.16 -21.13
N ASN A 40 -2.25 -24.45 -21.97
CA ASN A 40 -2.37 -25.56 -22.93
C ASN A 40 -2.19 -26.95 -22.35
N GLY A 41 -1.93 -27.00 -21.03
CA GLY A 41 -1.83 -28.22 -20.30
C GLY A 41 -0.55 -29.05 -20.52
N GLU A 42 0.36 -28.58 -21.35
CA GLU A 42 1.51 -29.36 -21.70
C GLU A 42 2.68 -29.25 -20.72
N TRP A 43 2.75 -28.13 -19.98
CA TRP A 43 3.94 -27.84 -19.16
C TRP A 43 3.57 -27.52 -17.75
N LEU A 44 4.55 -27.74 -16.86
CA LEU A 44 4.49 -27.23 -15.51
C LEU A 44 5.71 -26.31 -15.35
N ALA A 45 5.50 -25.07 -14.86
CA ALA A 45 6.62 -24.19 -14.49
C ALA A 45 6.76 -24.17 -12.97
N SER A 46 7.99 -24.19 -12.48
CA SER A 46 8.25 -24.08 -11.04
C SER A 46 9.29 -23.00 -10.76
N SER A 47 9.05 -22.23 -9.70
CA SER A 47 10.01 -21.20 -9.32
C SER A 47 10.57 -21.57 -7.97
N SER A 48 11.67 -20.95 -7.59
CA SER A 48 12.31 -21.36 -6.34
C SER A 48 13.16 -20.23 -5.76
N ALA A 49 13.41 -20.38 -4.47
CA ALA A 49 14.32 -19.48 -3.74
C ALA A 49 15.78 -19.58 -4.31
N ASP A 50 16.03 -20.64 -5.09
CA ASP A 50 17.32 -20.81 -5.85
C ASP A 50 17.50 -19.92 -7.10
N LYS A 51 16.57 -18.95 -7.28
CA LYS A 51 16.61 -17.95 -8.36
C LYS A 51 16.29 -18.51 -9.72
N LEU A 52 15.83 -19.76 -9.80
CA LEU A 52 15.63 -20.34 -11.11
C LEU A 52 14.16 -20.65 -11.34
N ILE A 53 13.82 -20.72 -12.61
CA ILE A 53 12.54 -21.29 -13.06
C ILE A 53 12.90 -22.59 -13.78
N LYS A 54 12.15 -23.66 -13.53
CA LYS A 54 12.32 -24.89 -14.30
C LYS A 54 10.99 -25.24 -14.96
N ILE A 55 11.09 -25.83 -16.14
CA ILE A 55 9.92 -26.21 -16.91
C ILE A 55 9.95 -27.71 -17.08
N TRP A 56 8.79 -28.36 -16.86
CA TRP A 56 8.71 -29.84 -16.85
C TRP A 56 7.48 -30.24 -17.69
N GLY A 57 7.51 -31.44 -18.25
CA GLY A 57 6.32 -31.98 -18.94
C GLY A 57 5.22 -32.21 -17.95
N ALA A 58 4.02 -31.70 -18.27
CA ALA A 58 2.91 -31.82 -17.33
C ALA A 58 2.46 -33.24 -17.04
N TYR A 59 2.61 -34.12 -18.04
CA TYR A 59 1.99 -35.46 -17.98
C TYR A 59 3.01 -36.47 -17.60
N ASP A 60 4.26 -36.29 -18.01
CA ASP A 60 5.31 -37.31 -17.79
C ASP A 60 6.35 -36.83 -16.81
N GLY A 61 6.21 -35.55 -16.35
CA GLY A 61 7.18 -34.97 -15.44
C GLY A 61 8.59 -34.80 -15.95
N LYS A 62 8.78 -34.82 -17.26
CA LYS A 62 10.13 -34.83 -17.86
C LYS A 62 10.76 -33.46 -17.77
N PHE A 63 11.96 -33.36 -17.20
CA PHE A 63 12.63 -32.08 -17.15
C PHE A 63 12.89 -31.53 -18.57
N GLU A 64 12.52 -30.26 -18.79
CA GLU A 64 12.63 -29.62 -20.11
C GLU A 64 13.78 -28.60 -20.12
N LYS A 65 13.70 -27.59 -19.24
CA LYS A 65 14.77 -26.57 -19.22
C LYS A 65 14.79 -25.74 -17.94
N THR A 66 15.94 -25.13 -17.68
CA THR A 66 16.01 -24.15 -16.57
C THR A 66 16.11 -22.77 -17.20
N ILE A 67 15.49 -21.79 -16.55
CA ILE A 67 15.57 -20.39 -16.97
C ILE A 67 16.14 -19.51 -15.85
N SER A 68 17.25 -18.81 -16.14
CA SER A 68 17.95 -18.07 -15.09
C SER A 68 18.15 -16.64 -15.49
N GLY A 69 18.33 -15.79 -14.48
CA GLY A 69 18.58 -14.38 -14.72
C GLY A 69 18.22 -13.46 -13.56
N HIS A 70 17.29 -13.87 -12.69
CA HIS A 70 17.03 -13.04 -11.51
C HIS A 70 18.20 -13.07 -10.52
N LYS A 71 18.36 -11.97 -9.78
CA LYS A 71 19.54 -11.83 -8.88
C LYS A 71 19.33 -12.41 -7.48
N LEU A 72 18.07 -12.68 -7.17
CA LEU A 72 17.66 -13.20 -5.86
C LEU A 72 16.48 -14.19 -6.09
N GLY A 73 16.03 -14.81 -5.01
CA GLY A 73 15.00 -15.86 -5.17
C GLY A 73 13.69 -15.36 -5.78
N ILE A 74 12.87 -16.31 -6.19
CA ILE A 74 11.62 -16.00 -6.94
C ILE A 74 10.50 -16.48 -6.03
N SER A 75 9.43 -15.68 -5.88
CA SER A 75 8.31 -16.12 -5.06
C SER A 75 7.08 -16.55 -5.87
N ASP A 76 7.07 -16.24 -7.16
CA ASP A 76 5.90 -16.67 -7.96
C ASP A 76 6.24 -16.63 -9.44
N VAL A 77 5.44 -17.35 -10.22
CA VAL A 77 5.58 -17.35 -11.70
C VAL A 77 4.17 -17.49 -12.28
N ALA A 78 3.96 -17.01 -13.51
CA ALA A 78 2.61 -17.14 -14.11
C ALA A 78 2.79 -17.23 -15.59
N TRP A 79 1.84 -17.90 -16.23
CA TRP A 79 1.88 -18.12 -17.72
C TRP A 79 0.97 -17.17 -18.46
N SER A 80 1.37 -16.81 -19.68
CA SER A 80 0.44 -16.09 -20.55
C SER A 80 -0.58 -17.08 -21.14
N SER A 81 -1.68 -16.53 -21.68
CA SER A 81 -2.78 -17.43 -22.17
C SER A 81 -2.34 -18.37 -23.28
N ASP A 82 -1.41 -17.91 -24.11
CA ASP A 82 -0.89 -18.72 -25.22
C ASP A 82 0.23 -19.68 -24.89
N SER A 83 0.52 -19.78 -23.60
CA SER A 83 1.60 -20.62 -23.06
C SER A 83 2.98 -20.28 -23.63
N ASN A 84 3.16 -19.11 -24.21
CA ASN A 84 4.45 -18.74 -24.82
C ASN A 84 5.32 -17.93 -23.89
N LEU A 85 4.69 -17.26 -22.93
CA LEU A 85 5.49 -16.41 -22.03
C LEU A 85 5.27 -16.80 -20.60
N LEU A 86 6.25 -16.50 -19.76
CA LEU A 86 6.13 -16.64 -18.30
C LEU A 86 6.54 -15.30 -17.71
N VAL A 87 5.90 -14.94 -16.62
CA VAL A 87 6.38 -13.79 -15.82
C VAL A 87 6.80 -14.33 -14.43
N SER A 88 7.90 -13.76 -13.86
CA SER A 88 8.33 -14.20 -12.54
C SER A 88 8.47 -12.99 -11.61
N ALA A 89 8.18 -13.19 -10.33
CA ALA A 89 8.26 -12.11 -9.30
C ALA A 89 9.40 -12.46 -8.36
N SER A 90 10.34 -11.52 -8.20
CA SER A 90 11.54 -11.82 -7.42
C SER A 90 11.85 -10.89 -6.21
N ASP A 91 12.60 -11.39 -5.24
CA ASP A 91 13.18 -10.55 -4.17
C ASP A 91 14.11 -9.45 -4.71
N ASP A 92 14.59 -9.57 -5.96
CA ASP A 92 15.39 -8.54 -6.53
C ASP A 92 14.63 -7.26 -6.91
N LYS A 93 13.36 -7.19 -6.53
CA LYS A 93 12.43 -6.04 -6.74
C LYS A 93 11.93 -5.88 -8.15
N THR A 94 12.23 -6.85 -9.03
CA THR A 94 11.75 -6.83 -10.41
C THR A 94 10.85 -8.02 -10.73
N LEU A 95 10.07 -7.86 -11.80
CA LEU A 95 9.52 -9.01 -12.50
C LEU A 95 10.24 -9.17 -13.82
N LYS A 96 10.34 -10.39 -14.35
CA LYS A 96 10.90 -10.60 -15.68
C LYS A 96 9.87 -11.31 -16.54
N ILE A 97 9.76 -10.94 -17.83
CA ILE A 97 8.92 -11.69 -18.76
C ILE A 97 9.90 -12.51 -19.64
N TRP A 98 9.57 -13.78 -19.80
CA TRP A 98 10.47 -14.78 -20.42
C TRP A 98 9.78 -15.38 -21.60
N ASP A 99 10.52 -15.53 -22.70
CA ASP A 99 10.00 -16.35 -23.80
C ASP A 99 10.33 -17.80 -23.49
N VAL A 100 9.33 -18.67 -23.31
CA VAL A 100 9.58 -19.99 -22.75
C VAL A 100 10.32 -20.85 -23.76
N SER A 101 10.04 -20.67 -25.05
CA SER A 101 10.66 -21.61 -25.99
C SER A 101 12.18 -21.30 -26.12
N SER A 102 12.53 -20.03 -26.14
CA SER A 102 13.95 -19.63 -26.25
C SER A 102 14.71 -19.52 -24.91
N GLY A 103 14.00 -19.33 -23.78
CA GLY A 103 14.55 -19.08 -22.44
C GLY A 103 15.03 -17.64 -22.25
N LYS A 104 14.79 -16.81 -23.26
CA LYS A 104 15.23 -15.45 -23.24
C LYS A 104 14.37 -14.50 -22.32
N CYS A 105 15.02 -13.65 -21.58
CA CYS A 105 14.32 -12.55 -20.89
C CYS A 105 13.99 -11.46 -21.92
N LEU A 106 12.68 -11.19 -22.09
CA LEU A 106 12.19 -10.18 -23.04
C LEU A 106 12.10 -8.86 -22.38
N LYS A 107 11.68 -8.80 -21.10
CA LYS A 107 11.51 -7.48 -20.44
C LYS A 107 11.80 -7.63 -18.97
N THR A 108 12.35 -6.58 -18.33
CA THR A 108 12.47 -6.56 -16.88
C THR A 108 11.57 -5.42 -16.40
N LEU A 109 10.67 -5.75 -15.49
CA LEU A 109 9.67 -4.79 -15.05
C LEU A 109 10.10 -4.14 -13.74
N LYS A 110 10.44 -2.86 -13.81
CA LYS A 110 11.14 -2.23 -12.69
C LYS A 110 10.25 -1.13 -12.11
N GLY A 111 10.16 -1.04 -10.78
CA GLY A 111 9.46 0.03 -10.13
C GLY A 111 9.08 -0.26 -8.71
N HIS A 112 8.82 -1.53 -8.36
CA HIS A 112 8.63 -1.86 -6.97
C HIS A 112 9.89 -1.51 -6.14
N SER A 113 9.68 -1.17 -4.88
CA SER A 113 10.79 -0.81 -3.99
C SER A 113 11.12 -1.89 -2.98
N ASN A 114 10.47 -3.05 -3.08
CA ASN A 114 10.82 -4.13 -2.20
C ASN A 114 10.47 -5.43 -2.99
N TYR A 115 10.61 -6.53 -2.30
CA TYR A 115 10.42 -7.87 -2.90
C TYR A 115 9.11 -7.89 -3.71
N VAL A 116 9.12 -8.46 -4.92
CA VAL A 116 7.85 -8.70 -5.64
C VAL A 116 7.41 -10.13 -5.26
N PHE A 117 6.14 -10.27 -4.83
CA PHE A 117 5.71 -11.46 -4.12
C PHE A 117 4.79 -12.32 -4.97
N CYS A 118 4.00 -11.66 -5.85
CA CYS A 118 2.94 -12.36 -6.55
C CYS A 118 2.74 -11.68 -7.90
N CYS A 119 2.29 -12.48 -8.88
CA CYS A 119 2.07 -11.94 -10.22
C CYS A 119 1.06 -12.76 -10.99
N ASN A 120 0.48 -12.14 -12.03
CA ASN A 120 -0.48 -12.89 -12.91
C ASN A 120 -0.66 -12.11 -14.20
N PHE A 121 -0.86 -12.84 -15.30
CA PHE A 121 -1.31 -12.18 -16.52
C PHE A 121 -2.83 -12.05 -16.49
N ASN A 122 -3.37 -11.08 -17.24
CA ASN A 122 -4.79 -11.11 -17.52
C ASN A 122 -5.15 -12.14 -18.64
N PRO A 123 -6.46 -12.39 -18.88
CA PRO A 123 -6.77 -13.44 -19.88
C PRO A 123 -6.33 -13.08 -21.26
N GLN A 124 -6.52 -11.80 -21.65
CA GLN A 124 -6.01 -11.30 -22.92
C GLN A 124 -4.51 -11.39 -23.01
N SER A 125 -3.87 -11.39 -21.85
CA SER A 125 -2.42 -11.45 -21.74
C SER A 125 -1.67 -10.25 -22.30
N ASN A 126 -2.35 -9.09 -22.31
CA ASN A 126 -1.63 -7.85 -22.57
C ASN A 126 -1.18 -7.07 -21.33
N LEU A 127 -1.61 -7.53 -20.14
CA LEU A 127 -1.27 -6.91 -18.87
C LEU A 127 -0.79 -7.94 -17.86
N ILE A 128 0.08 -7.46 -16.97
CA ILE A 128 0.51 -8.28 -15.80
C ILE A 128 0.11 -7.45 -14.58
N VAL A 129 -0.35 -8.14 -13.56
CA VAL A 129 -0.49 -7.47 -12.26
C VAL A 129 0.53 -8.03 -11.27
N SER A 130 1.10 -7.19 -10.40
CA SER A 130 2.04 -7.70 -9.39
C SER A 130 1.70 -7.14 -8.01
N GLY A 131 2.09 -7.86 -6.95
CA GLY A 131 1.96 -7.33 -5.58
C GLY A 131 3.32 -7.46 -4.91
N SER A 132 3.61 -6.56 -3.99
CA SER A 132 5.00 -6.47 -3.46
C SER A 132 4.95 -6.23 -1.94
N PHE A 133 6.12 -6.49 -1.32
CA PHE A 133 6.29 -6.08 0.05
C PHE A 133 6.21 -4.55 0.22
N ASP A 134 6.38 -3.79 -0.84
CA ASP A 134 6.20 -2.32 -0.79
C ASP A 134 4.73 -1.89 -0.63
N GLU A 135 3.86 -2.89 -0.57
CA GLU A 135 2.43 -2.71 -0.23
C GLU A 135 1.53 -2.18 -1.38
N SER A 136 2.13 -2.06 -2.55
CA SER A 136 1.41 -1.63 -3.74
C SER A 136 1.05 -2.78 -4.65
N VAL A 137 0.07 -2.52 -5.49
CA VAL A 137 -0.26 -3.39 -6.59
C VAL A 137 0.11 -2.59 -7.84
N ARG A 138 0.88 -3.17 -8.75
CA ARG A 138 1.15 -2.51 -9.99
C ARG A 138 0.55 -3.25 -11.20
N ILE A 139 0.12 -2.48 -12.19
CA ILE A 139 -0.40 -3.06 -13.46
C ILE A 139 0.61 -2.69 -14.54
N TRP A 140 1.08 -3.66 -15.31
CA TRP A 140 2.12 -3.41 -16.29
C TRP A 140 1.68 -3.83 -17.70
N ASP A 141 2.17 -3.13 -18.71
CA ASP A 141 1.91 -3.51 -20.08
C ASP A 141 2.96 -4.56 -20.54
N VAL A 142 2.49 -5.67 -21.07
CA VAL A 142 3.39 -6.81 -21.47
C VAL A 142 4.35 -6.39 -22.60
N LYS A 143 3.80 -5.73 -23.61
CA LYS A 143 4.64 -5.45 -24.81
C LYS A 143 5.78 -4.50 -24.54
N THR A 144 5.51 -3.49 -23.71
CA THR A 144 6.56 -2.49 -23.33
C THR A 144 7.40 -2.83 -22.10
N GLY A 145 6.83 -3.67 -21.22
CA GLY A 145 7.38 -3.90 -19.89
C GLY A 145 7.37 -2.69 -18.95
N LYS A 146 6.49 -1.71 -19.21
CA LYS A 146 6.44 -0.52 -18.40
C LYS A 146 5.16 -0.52 -17.55
N CYS A 147 5.26 0.13 -16.43
CA CYS A 147 4.15 0.22 -15.46
C CYS A 147 3.09 1.22 -15.92
N LEU A 148 1.84 0.75 -15.97
CA LEU A 148 0.70 1.59 -16.32
C LEU A 148 0.16 2.28 -15.10
N LYS A 149 0.07 1.60 -13.97
CA LYS A 149 -0.60 2.13 -12.79
C LYS A 149 -0.02 1.53 -11.56
N THR A 150 0.15 2.36 -10.53
CA THR A 150 0.52 1.86 -9.22
C THR A 150 -0.61 2.23 -8.26
N LEU A 151 -1.18 1.22 -7.60
CA LEU A 151 -2.37 1.40 -6.73
C LEU A 151 -1.91 1.40 -5.25
N PRO A 152 -2.40 2.37 -4.44
CA PRO A 152 -2.12 2.42 -2.99
C PRO A 152 -2.93 1.39 -2.27
N ALA A 153 -2.60 0.12 -2.51
CA ALA A 153 -3.61 -0.94 -2.36
C ALA A 153 -3.82 -1.41 -0.94
N HIS A 154 -2.73 -1.49 -0.17
CA HIS A 154 -2.70 -2.12 1.13
C HIS A 154 -1.76 -1.44 2.11
N SER A 155 -1.87 -1.81 3.37
CA SER A 155 -1.03 -1.14 4.39
C SER A 155 0.01 -2.10 4.96
N ASP A 156 0.25 -3.20 4.25
CA ASP A 156 1.26 -4.23 4.61
C ASP A 156 1.48 -5.04 3.38
N PRO A 157 2.44 -5.97 3.43
CA PRO A 157 2.81 -6.62 2.14
C PRO A 157 1.59 -7.26 1.47
N VAL A 158 1.65 -7.27 0.13
CA VAL A 158 0.57 -7.83 -0.67
C VAL A 158 0.86 -9.30 -0.99
N SER A 159 -0.04 -10.16 -0.54
CA SER A 159 0.20 -11.59 -0.60
C SER A 159 -0.25 -12.27 -1.92
N ALA A 160 -1.25 -11.68 -2.58
CA ALA A 160 -1.76 -12.27 -3.81
C ALA A 160 -2.44 -11.23 -4.70
N VAL A 161 -2.39 -11.46 -6.01
CA VAL A 161 -3.15 -10.60 -6.99
C VAL A 161 -3.65 -11.59 -8.08
N HIS A 162 -4.86 -11.35 -8.62
CA HIS A 162 -5.44 -12.27 -9.63
C HIS A 162 -6.45 -11.49 -10.43
N PHE A 163 -6.39 -11.66 -11.74
CA PHE A 163 -7.50 -11.06 -12.58
C PHE A 163 -8.70 -12.03 -12.63
N ASN A 164 -9.88 -11.47 -12.83
CA ASN A 164 -11.01 -12.35 -13.08
C ASN A 164 -11.05 -12.76 -14.53
N ARG A 165 -12.15 -13.45 -14.93
CA ARG A 165 -12.12 -14.20 -16.19
C ARG A 165 -12.16 -13.34 -17.47
N ASP A 166 -12.56 -12.07 -17.37
CA ASP A 166 -12.46 -11.16 -18.52
C ASP A 166 -11.45 -10.04 -18.35
N GLY A 167 -10.67 -10.15 -17.28
CA GLY A 167 -9.59 -9.16 -17.04
C GLY A 167 -10.09 -7.80 -16.57
N SER A 168 -11.41 -7.59 -16.38
CA SER A 168 -11.90 -6.23 -15.98
C SER A 168 -11.74 -5.97 -14.50
N LEU A 169 -11.53 -7.04 -13.73
CA LEU A 169 -11.28 -6.90 -12.28
C LEU A 169 -9.94 -7.52 -11.80
N ILE A 170 -9.42 -6.94 -10.71
CA ILE A 170 -8.23 -7.52 -10.04
C ILE A 170 -8.61 -7.73 -8.60
N VAL A 171 -8.29 -8.89 -8.03
CA VAL A 171 -8.48 -9.02 -6.57
C VAL A 171 -7.08 -9.04 -5.91
N SER A 172 -6.92 -8.39 -4.77
CA SER A 172 -5.61 -8.37 -4.07
C SER A 172 -5.87 -8.66 -2.59
N SER A 173 -4.88 -9.23 -1.94
CA SER A 173 -4.96 -9.49 -0.49
C SER A 173 -3.65 -9.08 0.15
N SER A 174 -3.69 -8.95 1.48
CA SER A 174 -2.52 -8.45 2.20
C SER A 174 -2.55 -8.88 3.68
N TYR A 175 -1.34 -8.88 4.22
CA TYR A 175 -1.09 -8.98 5.68
C TYR A 175 -1.79 -7.92 6.51
N ASP A 176 -2.32 -6.87 5.88
CA ASP A 176 -3.19 -5.90 6.59
C ASP A 176 -4.61 -6.46 6.92
N GLY A 177 -4.89 -7.71 6.50
CA GLY A 177 -6.19 -8.34 6.71
C GLY A 177 -7.31 -8.02 5.75
N LEU A 178 -7.01 -7.28 4.68
CA LEU A 178 -8.02 -6.88 3.73
C LEU A 178 -7.90 -7.65 2.43
N CYS A 179 -9.05 -7.79 1.80
CA CYS A 179 -9.04 -8.19 0.36
C CYS A 179 -9.75 -7.07 -0.36
N ARG A 180 -9.18 -6.58 -1.44
CA ARG A 180 -9.84 -5.52 -2.21
C ARG A 180 -10.05 -5.91 -3.66
N ILE A 181 -11.13 -5.42 -4.29
CA ILE A 181 -11.35 -5.66 -5.69
C ILE A 181 -11.23 -4.35 -6.44
N TRP A 182 -10.45 -4.37 -7.52
CA TRP A 182 -10.10 -3.20 -8.27
C TRP A 182 -10.66 -3.24 -9.68
N ASP A 183 -11.01 -2.07 -10.20
CA ASP A 183 -11.30 -1.96 -11.65
C ASP A 183 -10.01 -1.86 -12.46
N THR A 184 -9.70 -2.85 -13.29
CA THR A 184 -8.44 -2.82 -14.05
C THR A 184 -8.18 -1.54 -14.81
N ALA A 185 -9.20 -1.11 -15.54
CA ALA A 185 -9.01 -0.02 -16.50
C ALA A 185 -8.69 1.34 -15.88
N SER A 186 -9.32 1.62 -14.74
CA SER A 186 -9.15 2.89 -14.01
C SER A 186 -8.20 2.80 -12.81
N GLY A 187 -8.02 1.61 -12.26
CA GLY A 187 -7.23 1.46 -11.02
C GLY A 187 -8.04 1.82 -9.79
N GLN A 188 -9.35 2.04 -9.96
CA GLN A 188 -10.13 2.42 -8.81
C GLN A 188 -10.56 1.18 -7.96
N CYS A 189 -10.61 1.35 -6.63
CA CYS A 189 -11.09 0.30 -5.75
C CYS A 189 -12.61 0.22 -5.85
N LEU A 190 -13.12 -0.96 -6.14
CA LEU A 190 -14.57 -1.14 -6.30
C LEU A 190 -15.17 -1.63 -5.02
N LYS A 191 -14.43 -2.44 -4.26
CA LYS A 191 -14.97 -3.07 -3.03
C LYS A 191 -13.92 -3.52 -2.09
N THR A 192 -14.16 -3.42 -0.79
CA THR A 192 -13.25 -4.02 0.17
C THR A 192 -14.01 -5.17 0.81
N LEU A 193 -13.47 -6.39 0.72
CA LEU A 193 -14.09 -7.65 1.34
C LEU A 193 -13.75 -7.99 2.79
N PRO A 199 -7.35 -11.14 10.56
CA PRO A 199 -6.11 -11.92 10.46
C PRO A 199 -5.48 -11.63 9.05
N PRO A 200 -4.17 -11.79 8.89
CA PRO A 200 -3.56 -11.55 7.54
C PRO A 200 -4.29 -12.39 6.48
N VAL A 201 -4.53 -11.84 5.28
CA VAL A 201 -5.18 -12.64 4.22
C VAL A 201 -4.03 -13.04 3.32
N SER A 202 -3.75 -14.33 3.27
CA SER A 202 -2.47 -14.80 2.70
C SER A 202 -2.61 -15.24 1.23
N PHE A 203 -3.86 -15.34 0.75
CA PHE A 203 -4.10 -15.81 -0.65
C PHE A 203 -5.52 -15.46 -1.11
N VAL A 204 -5.66 -15.02 -2.35
CA VAL A 204 -7.02 -14.91 -2.93
C VAL A 204 -6.95 -15.25 -4.38
N LYS A 205 -8.08 -15.73 -4.92
CA LYS A 205 -8.23 -15.94 -6.33
C LYS A 205 -9.70 -15.97 -6.75
N PHE A 206 -9.97 -15.46 -7.96
CA PHE A 206 -11.38 -15.63 -8.51
C PHE A 206 -11.65 -17.08 -8.93
N SER A 207 -12.92 -17.53 -8.85
CA SER A 207 -13.25 -18.89 -9.31
C SER A 207 -13.33 -18.97 -10.87
N PRO A 208 -13.23 -20.19 -11.46
CA PRO A 208 -13.25 -20.33 -12.95
C PRO A 208 -14.53 -19.77 -13.55
N ASN A 209 -15.63 -19.83 -12.79
CA ASN A 209 -16.90 -19.24 -13.32
C ASN A 209 -16.94 -17.73 -13.26
N GLY A 210 -16.05 -17.12 -12.47
CA GLY A 210 -16.03 -15.69 -12.28
C GLY A 210 -16.86 -15.17 -11.12
N LYS A 211 -17.68 -16.05 -10.54
CA LYS A 211 -18.64 -15.66 -9.50
C LYS A 211 -18.15 -15.54 -8.02
N TYR A 212 -17.11 -16.30 -7.66
CA TYR A 212 -16.67 -16.34 -6.23
C TYR A 212 -15.20 -15.90 -6.11
N ILE A 213 -14.81 -15.51 -4.92
CA ILE A 213 -13.40 -15.38 -4.53
C ILE A 213 -13.08 -16.37 -3.45
N LEU A 214 -11.97 -17.07 -3.61
CA LEU A 214 -11.53 -18.01 -2.55
C LEU A 214 -10.44 -17.23 -1.82
N ALA A 215 -10.55 -17.12 -0.51
CA ALA A 215 -9.55 -16.35 0.30
C ALA A 215 -9.01 -17.23 1.41
N ALA A 216 -7.71 -17.16 1.62
CA ALA A 216 -7.05 -17.92 2.73
C ALA A 216 -6.57 -16.87 3.75
N THR A 217 -6.72 -17.21 5.05
CA THR A 217 -6.29 -16.33 6.10
C THR A 217 -5.40 -17.17 7.06
N LEU A 218 -4.47 -16.49 7.72
CA LEU A 218 -3.44 -17.12 8.52
C LEU A 218 -4.02 -17.47 9.91
N ASP A 219 -5.29 -17.89 9.90
CA ASP A 219 -5.98 -18.53 11.05
C ASP A 219 -6.48 -19.93 10.69
N ASN A 220 -5.72 -20.67 9.87
CA ASN A 220 -6.13 -21.99 9.42
C ASN A 220 -7.54 -22.10 8.80
N THR A 221 -7.91 -21.13 7.96
CA THR A 221 -9.25 -21.10 7.34
C THR A 221 -9.11 -20.70 5.87
N LEU A 222 -9.92 -21.30 5.03
CA LEU A 222 -10.19 -20.81 3.67
C LEU A 222 -11.64 -20.49 3.61
N LYS A 223 -11.99 -19.44 2.88
CA LYS A 223 -13.37 -19.04 2.82
C LYS A 223 -13.76 -18.74 1.40
N LEU A 224 -14.96 -19.19 1.02
CA LEU A 224 -15.52 -18.92 -0.30
C LEU A 224 -16.48 -17.73 -0.25
N TRP A 225 -16.15 -16.66 -0.96
CA TRP A 225 -16.96 -15.42 -0.92
C TRP A 225 -17.75 -15.21 -2.20
N ASP A 226 -19.03 -14.85 -2.07
CA ASP A 226 -19.77 -14.30 -3.23
C ASP A 226 -19.44 -12.81 -3.33
N TYR A 227 -18.65 -12.42 -4.31
CA TYR A 227 -18.16 -11.05 -4.20
C TYR A 227 -19.18 -10.00 -4.63
N SER A 228 -20.11 -10.31 -5.54
CA SER A 228 -21.25 -9.41 -5.88
C SER A 228 -22.07 -9.14 -4.63
N LYS A 229 -22.40 -10.21 -3.88
CA LYS A 229 -23.22 -10.03 -2.68
C LYS A 229 -22.39 -9.64 -1.47
N GLY A 230 -21.06 -9.69 -1.62
CA GLY A 230 -20.14 -9.33 -0.52
C GLY A 230 -20.27 -10.18 0.76
N LYS A 231 -20.63 -11.47 0.61
CA LYS A 231 -20.94 -12.37 1.75
C LYS A 231 -20.10 -13.63 1.67
N CYS A 232 -19.67 -14.13 2.83
CA CYS A 232 -19.03 -15.45 2.91
C CYS A 232 -20.00 -16.62 2.82
N LEU A 233 -19.83 -17.50 1.85
CA LEU A 233 -20.76 -18.61 1.64
C LEU A 233 -20.31 -19.91 2.29
N LYS A 234 -18.99 -20.13 2.39
CA LYS A 234 -18.48 -21.42 2.86
C LYS A 234 -17.15 -21.22 3.54
N THR A 235 -16.92 -21.98 4.61
CA THR A 235 -15.58 -21.98 5.29
C THR A 235 -14.99 -23.37 5.20
N TYR A 236 -13.67 -23.41 4.99
CA TYR A 236 -13.01 -24.70 4.88
C TYR A 236 -11.95 -24.76 5.97
N THR A 237 -11.98 -25.83 6.78
CA THR A 237 -11.03 -25.87 7.89
C THR A 237 -10.46 -27.26 8.00
N GLY A 238 -9.45 -27.41 8.86
CA GLY A 238 -8.86 -28.73 9.01
C GLY A 238 -7.36 -28.79 8.80
N HIS A 239 -6.85 -27.86 8.00
CA HIS A 239 -5.43 -27.81 7.61
C HIS A 239 -4.74 -26.83 8.55
N LYS A 240 -3.44 -26.66 8.39
CA LYS A 240 -2.64 -25.80 9.20
C LYS A 240 -2.11 -24.71 8.27
N ASN A 241 -2.45 -23.47 8.59
CA ASN A 241 -1.88 -22.37 7.79
C ASN A 241 -1.85 -21.13 8.68
N GLU A 242 -0.70 -20.89 9.30
CA GLU A 242 -0.51 -19.81 10.26
C GLU A 242 0.64 -18.91 9.91
N LYS A 243 1.47 -19.29 8.94
CA LYS A 243 2.71 -18.56 8.75
C LYS A 243 3.05 -18.25 7.28
N TYR A 244 2.60 -19.09 6.37
CA TYR A 244 3.08 -18.90 5.00
C TYR A 244 1.93 -18.55 4.07
N CYS A 245 2.23 -17.90 2.94
CA CYS A 245 1.22 -17.62 1.94
C CYS A 245 1.16 -18.80 0.98
N ILE A 246 0.23 -19.71 1.27
CA ILE A 246 0.12 -20.97 0.49
C ILE A 246 -0.89 -20.80 -0.63
N PHE A 247 -0.64 -21.32 -1.81
CA PHE A 247 -1.62 -21.18 -2.87
C PHE A 247 -2.78 -22.12 -2.67
N ALA A 248 -3.95 -21.69 -3.03
CA ALA A 248 -5.07 -22.66 -3.14
C ALA A 248 -5.76 -22.54 -4.46
N ASN A 249 -6.68 -23.49 -4.76
CA ASN A 249 -7.20 -23.67 -6.12
C ASN A 249 -8.60 -24.15 -6.08
N PHE A 250 -9.30 -23.89 -7.19
CA PHE A 250 -10.53 -24.60 -7.47
C PHE A 250 -10.17 -25.69 -8.40
N SER A 251 -10.63 -26.93 -8.12
CA SER A 251 -10.39 -28.00 -9.06
C SER A 251 -11.78 -28.27 -9.71
N VAL A 252 -11.87 -28.19 -11.03
CA VAL A 252 -13.20 -28.18 -11.71
C VAL A 252 -13.24 -29.18 -12.88
N THR A 253 -12.20 -29.97 -13.07
CA THR A 253 -12.08 -30.91 -14.20
C THR A 253 -12.84 -32.19 -13.97
N GLY A 254 -13.04 -32.52 -12.70
CA GLY A 254 -13.72 -33.77 -12.29
C GLY A 254 -14.80 -33.38 -11.32
N GLY A 255 -14.75 -33.90 -10.08
CA GLY A 255 -15.67 -33.31 -9.06
C GLY A 255 -15.26 -31.88 -8.68
N LYS A 256 -16.17 -31.09 -8.10
CA LYS A 256 -15.85 -29.69 -7.69
C LYS A 256 -15.17 -29.65 -6.33
N TRP A 257 -13.84 -29.46 -6.32
CA TRP A 257 -13.11 -29.42 -5.03
C TRP A 257 -12.40 -28.08 -4.82
N ILE A 258 -12.03 -27.86 -3.55
CA ILE A 258 -11.04 -26.82 -3.18
C ILE A 258 -9.78 -27.58 -2.82
N VAL A 259 -8.64 -27.13 -3.38
CA VAL A 259 -7.34 -27.75 -3.07
C VAL A 259 -6.37 -26.74 -2.44
N SER A 260 -5.65 -27.15 -1.37
CA SER A 260 -4.65 -26.25 -0.79
C SER A 260 -3.51 -27.05 -0.24
N GLY A 261 -2.38 -26.38 -0.13
CA GLY A 261 -1.30 -26.92 0.71
C GLY A 261 -1.53 -26.66 2.19
N SER A 262 -0.57 -27.09 3.00
CA SER A 262 -0.73 -27.02 4.44
C SER A 262 0.60 -27.11 5.11
N GLU A 263 0.69 -26.56 6.35
CA GLU A 263 1.96 -26.51 7.07
C GLU A 263 2.24 -27.80 7.81
N ASP A 264 1.33 -28.75 7.68
CA ASP A 264 1.53 -30.13 8.23
C ASP A 264 2.00 -31.09 7.15
N ASN A 265 2.50 -30.50 6.05
CA ASN A 265 3.13 -31.18 4.98
C ASN A 265 2.20 -31.96 4.10
N LEU A 266 0.91 -31.72 4.17
CA LEU A 266 -0.02 -32.44 3.32
C LEU A 266 -0.73 -31.53 2.32
N VAL A 267 -1.23 -32.10 1.23
CA VAL A 267 -2.21 -31.37 0.38
C VAL A 267 -3.59 -31.72 0.93
N TYR A 268 -4.43 -30.70 1.17
CA TYR A 268 -5.87 -30.93 1.51
C TYR A 268 -6.79 -30.72 0.29
N ILE A 269 -7.82 -31.58 0.23
CA ILE A 269 -8.84 -31.47 -0.81
C ILE A 269 -10.18 -31.50 -0.08
N TRP A 270 -10.98 -30.46 -0.27
CA TRP A 270 -12.32 -30.37 0.32
C TRP A 270 -13.38 -30.44 -0.78
N ASN A 271 -14.57 -30.94 -0.41
CA ASN A 271 -15.73 -30.76 -1.31
C ASN A 271 -16.20 -29.30 -1.25
N LEU A 272 -16.25 -28.59 -2.41
CA LEU A 272 -16.56 -27.17 -2.45
C LEU A 272 -17.94 -26.89 -1.79
N GLN A 273 -18.91 -27.75 -2.10
CA GLN A 273 -20.29 -27.58 -1.54
C GLN A 273 -20.46 -28.01 -0.08
N THR A 274 -19.96 -29.19 0.25
CA THR A 274 -20.21 -29.71 1.58
C THR A 274 -19.21 -29.30 2.62
N LYS A 275 -18.07 -28.77 2.17
CA LYS A 275 -16.94 -28.37 3.06
C LYS A 275 -16.21 -29.51 3.77
N GLU A 276 -16.58 -30.73 3.48
CA GLU A 276 -15.91 -31.86 4.07
C GLU A 276 -14.55 -32.06 3.40
N ILE A 277 -13.55 -32.42 4.19
CA ILE A 277 -12.29 -32.94 3.68
C ILE A 277 -12.51 -34.28 3.04
N VAL A 278 -12.17 -34.39 1.77
CA VAL A 278 -12.38 -35.61 0.96
C VAL A 278 -11.13 -36.39 0.78
N GLN A 279 -9.96 -35.73 0.73
CA GLN A 279 -8.69 -36.49 0.69
C GLN A 279 -7.58 -35.58 1.22
N LYS A 280 -6.55 -36.18 1.82
CA LYS A 280 -5.27 -35.47 2.07
C LYS A 280 -4.21 -36.29 1.37
N LEU A 281 -3.27 -35.59 0.72
CA LEU A 281 -2.17 -36.20 -0.06
C LEU A 281 -0.87 -36.11 0.68
N GLN A 282 -0.30 -37.28 0.96
CA GLN A 282 0.83 -37.40 1.84
C GLN A 282 2.12 -37.77 1.08
N GLY A 283 3.25 -37.21 1.52
CA GLY A 283 4.53 -37.58 0.91
C GLY A 283 5.57 -36.47 1.04
N HIS A 284 5.14 -35.20 0.92
CA HIS A 284 6.11 -34.11 1.14
C HIS A 284 6.67 -34.17 2.56
N THR A 285 7.85 -33.59 2.73
CA THR A 285 8.52 -33.57 3.98
C THR A 285 8.73 -32.18 4.54
N ASP A 286 8.01 -31.20 3.97
CA ASP A 286 8.01 -29.85 4.55
C ASP A 286 6.69 -29.21 4.11
N VAL A 287 6.46 -27.96 4.56
CA VAL A 287 5.27 -27.18 4.21
C VAL A 287 4.99 -27.25 2.73
N VAL A 288 3.73 -27.54 2.39
CA VAL A 288 3.35 -27.57 0.98
C VAL A 288 2.92 -26.16 0.65
N ILE A 289 3.82 -25.40 0.08
CA ILE A 289 3.56 -23.97 -0.18
C ILE A 289 2.68 -23.70 -1.39
N SER A 290 2.64 -24.62 -2.32
CA SER A 290 1.98 -24.38 -3.61
C SER A 290 1.33 -25.63 -4.14
N THR A 291 0.12 -25.46 -4.63
CA THR A 291 -0.58 -26.52 -5.35
C THR A 291 -1.15 -25.81 -6.61
N ALA A 292 -1.28 -26.61 -7.65
CA ALA A 292 -1.88 -26.18 -8.89
C ALA A 292 -2.70 -27.32 -9.45
N CYS A 293 -3.78 -26.96 -10.17
CA CYS A 293 -4.65 -27.99 -10.77
C CYS A 293 -4.52 -27.91 -12.28
N HIS A 294 -4.38 -29.08 -12.91
CA HIS A 294 -4.26 -29.11 -14.38
C HIS A 294 -5.50 -28.60 -15.13
N PRO A 295 -5.31 -27.91 -16.24
CA PRO A 295 -6.51 -27.24 -16.81
C PRO A 295 -7.55 -28.18 -17.38
N THR A 296 -7.16 -29.39 -17.76
CA THR A 296 -8.14 -30.34 -18.35
C THR A 296 -8.16 -31.74 -17.75
N GLU A 297 -7.09 -32.19 -17.10
CA GLU A 297 -7.06 -33.56 -16.58
C GLU A 297 -7.22 -33.44 -15.05
N ASN A 298 -7.55 -34.54 -14.39
CA ASN A 298 -7.54 -34.53 -12.92
C ASN A 298 -6.11 -34.77 -12.37
N ILE A 299 -5.27 -33.73 -12.47
CA ILE A 299 -3.86 -33.83 -12.09
C ILE A 299 -3.63 -32.64 -11.16
N ILE A 300 -2.97 -32.90 -10.07
CA ILE A 300 -2.51 -31.82 -9.15
C ILE A 300 -1.02 -31.80 -9.10
N ALA A 301 -0.43 -30.60 -9.09
CA ALA A 301 0.98 -30.50 -8.77
C ALA A 301 1.15 -29.81 -7.42
N SER A 302 2.11 -30.25 -6.63
CA SER A 302 2.36 -29.64 -5.33
C SER A 302 3.83 -29.46 -5.10
N ALA A 303 4.20 -28.47 -4.31
CA ALA A 303 5.62 -28.22 -4.04
C ALA A 303 5.84 -27.80 -2.63
N ALA A 304 7.08 -28.04 -2.17
CA ALA A 304 7.36 -27.87 -0.72
C ALA A 304 8.63 -27.08 -0.44
N LEU A 305 8.75 -26.70 0.83
CA LEU A 305 9.81 -25.84 1.28
C LEU A 305 11.13 -26.57 1.52
N GLU A 306 12.01 -25.90 2.26
CA GLU A 306 13.46 -26.21 2.31
C GLU A 306 13.83 -27.64 2.72
N ASN A 307 13.04 -28.24 3.59
CA ASN A 307 13.40 -29.64 4.01
C ASN A 307 12.97 -30.67 2.97
N ASP A 308 12.39 -30.22 1.86
CA ASP A 308 11.85 -31.14 0.87
C ASP A 308 12.41 -30.80 -0.53
N LYS A 309 12.09 -29.61 -1.01
CA LYS A 309 12.64 -29.02 -2.28
C LYS A 309 12.10 -29.75 -3.54
N THR A 310 11.00 -30.50 -3.40
CA THR A 310 10.52 -31.27 -4.55
C THR A 310 9.15 -30.84 -4.99
N ILE A 311 8.82 -31.23 -6.21
CA ILE A 311 7.49 -31.03 -6.77
C ILE A 311 6.90 -32.44 -6.90
N LYS A 312 5.66 -32.63 -6.54
CA LYS A 312 4.96 -33.96 -6.75
C LYS A 312 3.79 -33.80 -7.67
N LEU A 313 3.61 -34.78 -8.59
CA LEU A 313 2.48 -34.80 -9.48
C LEU A 313 1.57 -35.97 -9.06
N TRP A 314 0.27 -35.68 -8.95
CA TRP A 314 -0.72 -36.65 -8.45
C TRP A 314 -1.83 -36.77 -9.48
N LYS A 315 -2.36 -38.00 -9.68
CA LYS A 315 -3.47 -38.22 -10.67
C LYS A 315 -4.66 -38.91 -10.06
N SER A 316 -5.85 -38.43 -10.41
CA SER A 316 -7.16 -39.03 -9.96
C SER A 316 -8.04 -39.42 -11.14
N ASP A 317 -8.93 -40.38 -10.91
CA ASP A 317 -10.03 -40.69 -11.82
C ASP A 317 -11.25 -39.71 -11.80
N CYS A 318 -11.35 -38.83 -10.80
CA CYS A 318 -12.45 -37.82 -10.73
C CYS A 318 -12.08 -36.57 -9.90
N LYS B 16 18.26 36.25 1.38
CA LYS B 16 18.16 34.77 1.35
C LYS B 16 18.27 34.17 2.77
N PRO B 17 17.36 33.20 3.10
CA PRO B 17 17.55 32.55 4.40
C PRO B 17 18.79 31.71 4.29
N ASN B 18 19.31 31.29 5.42
CA ASN B 18 20.52 30.49 5.45
C ASN B 18 20.39 29.19 6.20
N TYR B 19 19.20 28.57 6.04
CA TYR B 19 18.95 27.29 6.73
C TYR B 19 20.11 26.29 6.52
N ALA B 20 20.56 25.68 7.59
CA ALA B 20 21.65 24.67 7.59
C ALA B 20 21.27 23.48 8.48
N LEU B 21 21.83 22.31 8.16
CA LEU B 21 21.44 21.11 8.83
C LEU B 21 21.99 21.13 10.25
N LYS B 22 21.09 20.96 11.21
CA LYS B 22 21.45 20.91 12.63
C LYS B 22 21.35 19.46 13.12
N PHE B 23 20.31 18.69 12.72
CA PHE B 23 20.22 17.26 13.14
C PHE B 23 19.57 16.27 12.12
N THR B 24 19.98 14.99 12.18
CA THR B 24 19.25 13.89 11.52
C THR B 24 18.63 12.98 12.58
N LEU B 25 17.35 12.61 12.46
CA LEU B 25 16.62 11.86 13.49
C LEU B 25 16.15 10.55 12.91
N ALA B 26 16.75 9.42 13.32
CA ALA B 26 16.42 8.07 12.80
C ALA B 26 15.74 7.24 13.89
N GLY B 27 14.90 6.30 13.46
CA GLY B 27 14.16 5.46 14.37
C GLY B 27 12.96 4.83 13.69
N HIS B 28 12.27 5.58 12.83
CA HIS B 28 11.14 4.97 12.17
C HIS B 28 11.60 3.82 11.25
N THR B 29 10.83 2.75 11.14
CA THR B 29 11.25 1.58 10.35
C THR B 29 10.57 1.50 8.99
N LYS B 30 9.70 2.50 8.71
CA LYS B 30 9.10 2.62 7.40
C LYS B 30 9.14 4.12 7.06
N ALA B 31 8.72 4.45 5.85
CA ALA B 31 8.58 5.83 5.39
C ALA B 31 7.91 6.68 6.47
N VAL B 32 8.45 7.90 6.62
CA VAL B 32 7.88 8.86 7.49
C VAL B 32 6.74 9.57 6.71
N SER B 33 5.59 9.87 7.34
CA SER B 33 4.50 10.59 6.59
C SER B 33 4.28 12.06 6.95
N SER B 34 4.57 12.47 8.21
CA SER B 34 4.29 13.83 8.58
C SER B 34 5.22 14.18 9.71
N VAL B 35 5.64 15.46 9.74
CA VAL B 35 6.27 16.04 10.93
C VAL B 35 5.59 17.36 11.27
N LYS B 36 5.39 17.64 12.57
CA LYS B 36 4.71 18.86 13.07
C LYS B 36 5.39 19.32 14.35
N PHE B 37 5.82 20.58 14.37
CA PHE B 37 6.39 21.13 15.63
C PHE B 37 5.25 21.37 16.61
N SER B 38 5.48 21.11 17.90
CA SER B 38 4.50 21.42 18.90
C SER B 38 4.45 22.97 18.93
N PRO B 39 3.27 23.54 19.20
CA PRO B 39 3.28 24.95 19.16
C PRO B 39 4.15 25.60 20.27
N ASN B 40 4.17 25.02 21.45
CA ASN B 40 5.02 25.63 22.51
C ASN B 40 6.49 25.52 22.13
N GLY B 41 6.71 24.93 20.95
CA GLY B 41 8.03 24.87 20.39
C GLY B 41 9.03 23.92 20.98
N GLU B 42 8.65 23.06 21.94
CA GLU B 42 9.63 22.11 22.54
C GLU B 42 9.88 20.80 21.82
N TRP B 43 8.89 20.39 21.02
CA TRP B 43 8.79 19.04 20.53
C TRP B 43 8.50 19.02 19.04
N LEU B 44 8.93 17.94 18.41
CA LEU B 44 8.52 17.62 17.06
C LEU B 44 7.90 16.25 17.15
N ALA B 45 6.74 16.10 16.49
CA ALA B 45 6.05 14.82 16.46
C ALA B 45 6.17 14.34 15.03
N SER B 46 6.45 13.04 14.86
CA SER B 46 6.55 12.44 13.54
C SER B 46 5.63 11.20 13.47
N SER B 47 4.98 11.02 12.33
CA SER B 47 4.16 9.82 12.15
C SER B 47 4.75 9.03 10.99
N SER B 48 4.41 7.74 10.92
CA SER B 48 5.02 6.86 9.95
C SER B 48 4.05 5.76 9.50
N ALA B 49 4.32 5.19 8.34
CA ALA B 49 3.70 4.00 7.84
C ALA B 49 4.04 2.82 8.79
N ASP B 50 5.05 2.98 9.68
CA ASP B 50 5.35 1.91 10.68
C ASP B 50 4.34 1.85 11.83
N LYS B 51 3.31 2.70 11.77
CA LYS B 51 2.18 2.71 12.73
C LYS B 51 2.47 3.48 14.01
N LEU B 52 3.66 4.06 14.06
CA LEU B 52 4.11 4.74 15.25
C LEU B 52 4.09 6.26 15.12
N ILE B 53 3.88 6.94 16.23
CA ILE B 53 4.19 8.37 16.40
C ILE B 53 5.45 8.47 17.27
N LYS B 54 6.42 9.28 16.85
CA LYS B 54 7.54 9.57 17.75
C LYS B 54 7.64 11.05 18.13
N ILE B 55 8.09 11.33 19.35
CA ILE B 55 8.14 12.69 19.84
C ILE B 55 9.65 12.94 20.09
N TRP B 56 10.10 14.08 19.64
CA TRP B 56 11.53 14.43 19.64
C TRP B 56 11.66 15.88 20.16
N GLY B 57 12.82 16.21 20.77
CA GLY B 57 13.03 17.58 21.21
C GLY B 57 13.30 18.43 20.01
N ALA B 58 12.72 19.61 19.96
CA ALA B 58 12.79 20.40 18.72
C ALA B 58 14.16 21.08 18.55
N TYR B 59 14.86 21.28 19.68
CA TYR B 59 16.18 22.00 19.59
C TYR B 59 17.38 21.05 19.52
N ASP B 60 17.25 19.89 20.10
CA ASP B 60 18.35 18.98 20.04
C ASP B 60 18.08 17.66 19.36
N GLY B 61 16.84 17.47 18.86
CA GLY B 61 16.45 16.22 18.19
C GLY B 61 16.50 14.97 19.06
N LYS B 62 16.52 15.12 20.39
CA LYS B 62 16.63 13.95 21.27
C LYS B 62 15.30 13.22 21.26
N PHE B 63 15.41 11.93 20.97
CA PHE B 63 14.28 11.02 21.03
C PHE B 63 13.70 11.04 22.41
N GLU B 64 12.37 11.20 22.47
CA GLU B 64 11.69 11.27 23.74
C GLU B 64 10.83 10.02 23.97
N LYS B 65 9.94 9.71 23.03
CA LYS B 65 9.04 8.57 23.25
C LYS B 65 8.35 8.14 21.96
N THR B 66 7.92 6.87 21.98
CA THR B 66 7.07 6.35 20.95
C THR B 66 5.65 6.24 21.47
N ILE B 67 4.69 6.61 20.60
CA ILE B 67 3.28 6.47 20.98
C ILE B 67 2.69 5.47 19.95
N SER B 68 2.19 4.33 20.44
CA SER B 68 1.71 3.24 19.58
C SER B 68 0.30 2.81 19.94
N GLY B 69 -0.37 2.28 18.93
CA GLY B 69 -1.70 1.73 19.17
C GLY B 69 -2.55 1.65 17.93
N HIS B 70 -2.26 2.48 16.91
CA HIS B 70 -2.97 2.23 15.61
C HIS B 70 -2.68 0.83 15.05
N LYS B 71 -3.69 0.28 14.36
CA LYS B 71 -3.55 -1.03 13.78
C LYS B 71 -2.77 -1.02 12.47
N LEU B 72 -2.79 0.11 11.79
CA LEU B 72 -2.10 0.26 10.47
C LEU B 72 -1.40 1.57 10.42
N GLY B 73 -0.71 1.84 9.32
CA GLY B 73 0.21 3.01 9.29
C GLY B 73 -0.54 4.33 9.39
N ILE B 74 0.19 5.40 9.68
CA ILE B 74 -0.37 6.74 9.93
C ILE B 74 0.05 7.69 8.81
N SER B 75 -0.92 8.45 8.29
CA SER B 75 -0.55 9.44 7.26
C SER B 75 -0.42 10.86 7.78
N ASP B 76 -0.91 11.19 8.99
CA ASP B 76 -0.75 12.63 9.42
C ASP B 76 -0.89 12.64 10.95
N VAL B 77 -0.41 13.70 11.55
CA VAL B 77 -0.50 13.92 13.00
C VAL B 77 -0.68 15.45 13.13
N ALA B 78 -1.31 15.90 14.19
CA ALA B 78 -1.40 17.32 14.46
C ALA B 78 -1.48 17.50 15.99
N TRP B 79 -1.05 18.67 16.44
CA TRP B 79 -1.03 18.98 17.85
C TRP B 79 -2.20 19.91 18.23
N SER B 80 -2.70 19.77 19.48
CA SER B 80 -3.57 20.78 20.09
C SER B 80 -2.70 21.99 20.39
N SER B 81 -3.36 23.12 20.55
CA SER B 81 -2.63 24.35 20.66
C SER B 81 -1.91 24.50 22.01
N ASP B 82 -2.36 23.76 23.03
CA ASP B 82 -1.71 23.75 24.35
C ASP B 82 -0.52 22.76 24.38
N SER B 83 -0.29 22.07 23.25
CA SER B 83 0.82 21.10 23.13
C SER B 83 0.62 19.84 23.97
N ASN B 84 -0.58 19.61 24.45
CA ASN B 84 -0.81 18.47 25.29
C ASN B 84 -1.33 17.22 24.59
N LEU B 85 -2.03 17.46 23.47
CA LEU B 85 -2.70 16.38 22.77
C LEU B 85 -2.16 16.28 21.35
N LEU B 86 -2.19 15.05 20.82
CA LEU B 86 -1.86 14.85 19.43
C LEU B 86 -3.08 14.14 18.84
N VAL B 87 -3.41 14.45 17.57
CA VAL B 87 -4.35 13.55 16.86
C VAL B 87 -3.61 12.92 15.69
N SER B 88 -3.93 11.64 15.43
CA SER B 88 -3.27 10.95 14.29
C SER B 88 -4.35 10.37 13.34
N ALA B 89 -4.07 10.35 12.00
CA ALA B 89 -5.02 9.82 10.98
C ALA B 89 -4.37 8.58 10.39
N SER B 90 -5.12 7.52 10.39
CA SER B 90 -4.56 6.18 10.04
C SER B 90 -5.28 5.43 8.91
N ASP B 91 -4.49 4.58 8.22
CA ASP B 91 -5.09 3.62 7.30
C ASP B 91 -6.10 2.68 7.95
N ASP B 92 -6.07 2.58 9.30
CA ASP B 92 -7.03 1.69 9.96
C ASP B 92 -8.46 2.29 10.05
N LYS B 93 -8.66 3.44 9.38
CA LYS B 93 -9.99 4.11 9.22
C LYS B 93 -10.37 4.91 10.46
N THR B 94 -9.44 5.04 11.40
CA THR B 94 -9.72 5.82 12.58
C THR B 94 -8.73 6.96 12.73
N LEU B 95 -9.13 7.89 13.57
CA LEU B 95 -8.13 8.81 14.15
C LEU B 95 -8.09 8.46 15.65
N LYS B 96 -6.96 8.77 16.29
CA LYS B 96 -6.80 8.55 17.76
C LYS B 96 -6.32 9.87 18.33
N ILE B 97 -6.91 10.24 19.47
CA ILE B 97 -6.39 11.40 20.22
C ILE B 97 -5.54 10.87 21.37
N TRP B 98 -4.34 11.42 21.49
CA TRP B 98 -3.35 10.97 22.47
C TRP B 98 -3.02 12.05 23.48
N ASP B 99 -2.88 11.62 24.73
CA ASP B 99 -2.27 12.49 25.74
C ASP B 99 -0.77 12.35 25.58
N VAL B 100 -0.10 13.46 25.26
CA VAL B 100 1.32 13.41 24.91
C VAL B 100 2.18 13.03 26.11
N SER B 101 1.85 13.59 27.26
CA SER B 101 2.61 13.36 28.53
C SER B 101 2.70 11.87 28.87
N SER B 102 1.57 11.20 28.81
CA SER B 102 1.53 9.77 29.19
C SER B 102 1.69 8.79 28.03
N GLY B 103 1.48 9.25 26.78
CA GLY B 103 1.34 8.33 25.64
C GLY B 103 0.03 7.56 25.52
N LYS B 104 -0.96 7.88 26.35
CA LYS B 104 -2.18 7.13 26.42
C LYS B 104 -3.15 7.58 25.30
N CYS B 105 -3.83 6.60 24.71
CA CYS B 105 -4.93 6.90 23.78
C CYS B 105 -6.14 7.32 24.57
N LEU B 106 -6.53 8.58 24.42
CA LEU B 106 -7.77 9.06 25.05
C LEU B 106 -9.04 8.66 24.34
N LYS B 107 -9.06 8.71 23.01
CA LYS B 107 -10.34 8.51 22.28
C LYS B 107 -9.92 7.94 20.96
N THR B 108 -10.77 7.06 20.43
CA THR B 108 -10.60 6.58 19.08
C THR B 108 -11.81 7.09 18.31
N LEU B 109 -11.56 7.79 17.21
CA LEU B 109 -12.59 8.47 16.42
C LEU B 109 -12.97 7.62 15.25
N LYS B 110 -14.15 7.00 15.34
CA LYS B 110 -14.64 6.02 14.33
C LYS B 110 -15.79 6.59 13.51
N GLY B 111 -15.72 6.35 12.22
CA GLY B 111 -16.80 6.68 11.28
C GLY B 111 -16.36 6.70 9.81
N HIS B 112 -15.10 7.07 9.50
CA HIS B 112 -14.69 7.04 8.14
C HIS B 112 -14.75 5.60 7.66
N SER B 113 -14.86 5.39 6.35
CA SER B 113 -15.02 4.04 5.78
C SER B 113 -13.80 3.64 4.94
N ASN B 114 -12.69 4.41 5.02
CA ASN B 114 -11.48 4.09 4.31
C ASN B 114 -10.33 4.87 4.95
N TYR B 115 -9.13 4.78 4.39
CA TYR B 115 -7.96 5.39 4.98
C TYR B 115 -8.26 6.86 5.43
N VAL B 116 -7.87 7.24 6.63
CA VAL B 116 -7.92 8.65 7.05
C VAL B 116 -6.56 9.20 6.68
N PHE B 117 -6.58 10.31 5.95
CA PHE B 117 -5.39 10.80 5.31
C PHE B 117 -4.82 12.04 5.92
N CYS B 118 -5.69 12.90 6.45
CA CYS B 118 -5.26 14.22 6.93
C CYS B 118 -6.14 14.65 8.12
N CYS B 119 -5.54 15.45 8.98
CA CYS B 119 -6.25 15.88 10.17
C CYS B 119 -5.67 17.14 10.71
N ASN B 120 -6.46 17.82 11.51
CA ASN B 120 -5.98 19.07 12.18
C ASN B 120 -6.92 19.48 13.27
N PHE B 121 -6.36 20.11 14.31
CA PHE B 121 -7.20 20.70 15.36
C PHE B 121 -7.58 22.14 14.92
N ASN B 122 -8.69 22.66 15.42
CA ASN B 122 -8.94 24.11 15.25
C ASN B 122 -8.06 24.87 16.28
N PRO B 123 -7.83 26.16 16.05
CA PRO B 123 -6.92 26.91 16.93
C PRO B 123 -7.21 26.75 18.45
N GLN B 124 -8.48 26.79 18.81
CA GLN B 124 -8.98 26.54 20.20
C GLN B 124 -8.83 25.14 20.68
N SER B 125 -8.77 24.22 19.72
CA SER B 125 -8.54 22.81 19.94
C SER B 125 -9.70 22.18 20.70
N ASN B 126 -10.91 22.64 20.42
CA ASN B 126 -12.08 21.85 20.80
C ASN B 126 -12.68 21.01 19.67
N LEU B 127 -12.15 21.16 18.45
CA LEU B 127 -12.62 20.40 17.29
C LEU B 127 -11.46 19.83 16.55
N ILE B 128 -11.74 18.70 15.89
CA ILE B 128 -10.76 18.14 14.95
C ILE B 128 -11.48 18.01 13.60
N VAL B 129 -10.75 18.28 12.51
CA VAL B 129 -11.26 18.05 11.17
C VAL B 129 -10.41 16.94 10.51
N SER B 130 -11.07 16.02 9.82
CA SER B 130 -10.35 14.97 9.13
C SER B 130 -10.80 14.82 7.69
N GLY B 131 -9.94 14.23 6.85
CA GLY B 131 -10.24 14.01 5.43
C GLY B 131 -9.84 12.56 5.15
N SER B 132 -10.59 11.88 4.26
CA SER B 132 -10.33 10.42 4.06
C SER B 132 -10.41 10.04 2.60
N PHE B 133 -9.88 8.86 2.29
CA PHE B 133 -10.13 8.25 0.95
C PHE B 133 -11.60 8.00 0.67
N ASP B 134 -12.42 7.96 1.72
CA ASP B 134 -13.87 7.83 1.56
C ASP B 134 -14.57 9.11 0.98
N GLU B 135 -13.77 10.13 0.64
CA GLU B 135 -14.23 11.38 -0.03
C GLU B 135 -14.92 12.31 0.90
N SER B 136 -15.02 12.01 2.21
CA SER B 136 -15.71 12.90 3.10
C SER B 136 -14.69 13.70 3.96
N VAL B 137 -15.20 14.82 4.49
CA VAL B 137 -14.54 15.54 5.57
C VAL B 137 -15.40 15.34 6.80
N ARG B 138 -14.80 15.03 7.97
CA ARG B 138 -15.60 14.93 9.22
C ARG B 138 -15.09 15.92 10.24
N ILE B 139 -15.99 16.41 11.08
CA ILE B 139 -15.62 17.35 12.13
C ILE B 139 -16.05 16.65 13.43
N TRP B 140 -15.14 16.62 14.37
CA TRP B 140 -15.28 15.77 15.60
C TRP B 140 -15.07 16.64 16.82
N ASP B 141 -15.82 16.32 17.89
CA ASP B 141 -15.59 16.87 19.21
C ASP B 141 -14.40 16.28 19.97
N VAL B 142 -13.47 17.11 20.40
CA VAL B 142 -12.27 16.62 21.02
C VAL B 142 -12.57 15.96 22.35
N LYS B 143 -13.39 16.65 23.15
CA LYS B 143 -13.69 16.17 24.53
C LYS B 143 -14.30 14.81 24.52
N THR B 144 -15.29 14.56 23.64
CA THR B 144 -15.99 13.26 23.59
C THR B 144 -15.46 12.24 22.51
N GLY B 145 -14.69 12.74 21.56
CA GLY B 145 -14.24 11.91 20.44
C GLY B 145 -15.33 11.45 19.48
N LYS B 146 -16.42 12.19 19.40
CA LYS B 146 -17.54 11.85 18.56
C LYS B 146 -17.67 12.75 17.36
N CYS B 147 -18.28 12.22 16.31
CA CYS B 147 -18.41 12.94 15.04
C CYS B 147 -19.61 13.93 15.03
N LEU B 148 -19.33 15.19 14.83
CA LEU B 148 -20.40 16.25 14.91
C LEU B 148 -21.09 16.37 13.53
N LYS B 149 -20.28 16.31 12.49
CA LYS B 149 -20.78 16.58 11.13
C LYS B 149 -19.99 15.72 10.16
N THR B 150 -20.67 15.17 9.14
CA THR B 150 -19.96 14.53 7.98
C THR B 150 -20.30 15.36 6.75
N LEU B 151 -19.28 15.91 6.07
CA LEU B 151 -19.49 16.75 4.88
C LEU B 151 -19.19 15.95 3.62
N PRO B 152 -20.18 15.86 2.70
CA PRO B 152 -20.02 15.19 1.38
C PRO B 152 -19.07 16.03 0.51
N ALA B 153 -17.82 16.12 0.99
CA ALA B 153 -17.04 17.31 0.58
C ALA B 153 -16.52 17.24 -0.88
N HIS B 154 -16.32 16.04 -1.38
CA HIS B 154 -15.50 15.82 -2.60
C HIS B 154 -15.95 14.51 -3.26
N SER B 155 -15.45 14.27 -4.47
CA SER B 155 -15.77 13.05 -5.15
C SER B 155 -14.52 12.21 -5.50
N ASP B 156 -13.47 12.39 -4.70
CA ASP B 156 -12.30 11.54 -4.73
C ASP B 156 -11.60 11.75 -3.37
N PRO B 157 -10.56 10.98 -3.08
CA PRO B 157 -9.92 11.11 -1.76
C PRO B 157 -9.55 12.55 -1.39
N VAL B 158 -9.77 12.87 -0.14
CA VAL B 158 -9.48 14.16 0.38
C VAL B 158 -8.01 14.23 0.87
N SER B 159 -7.24 15.12 0.27
CA SER B 159 -5.78 15.19 0.51
C SER B 159 -5.32 16.09 1.64
N ALA B 160 -6.15 17.06 2.05
CA ALA B 160 -5.78 17.95 3.08
C ALA B 160 -7.02 18.64 3.65
N VAL B 161 -6.90 19.01 4.91
CA VAL B 161 -7.99 19.73 5.63
C VAL B 161 -7.29 20.71 6.57
N HIS B 162 -7.76 21.95 6.69
CA HIS B 162 -7.05 22.92 7.60
C HIS B 162 -8.08 23.98 8.05
N PHE B 163 -8.06 24.36 9.33
CA PHE B 163 -8.92 25.46 9.81
C PHE B 163 -8.13 26.76 9.58
N ASN B 164 -8.85 27.85 9.32
CA ASN B 164 -8.19 29.12 9.33
C ASN B 164 -7.90 29.62 10.78
N ARG B 165 -7.33 30.84 10.87
CA ARG B 165 -6.75 31.29 12.11
C ARG B 165 -7.75 31.49 13.27
N ASP B 166 -9.04 31.64 12.98
CA ASP B 166 -10.06 31.74 14.01
C ASP B 166 -11.02 30.54 14.08
N GLY B 167 -10.72 29.51 13.27
CA GLY B 167 -11.49 28.23 13.30
C GLY B 167 -12.86 28.34 12.64
N SER B 168 -13.16 29.49 12.06
CA SER B 168 -14.44 29.72 11.45
C SER B 168 -14.57 29.05 10.08
N LEU B 169 -13.44 28.81 9.38
CA LEU B 169 -13.46 28.22 8.08
C LEU B 169 -12.69 26.92 8.09
N ILE B 170 -13.06 25.98 7.24
CA ILE B 170 -12.18 24.84 6.95
C ILE B 170 -11.87 24.87 5.44
N VAL B 171 -10.62 24.69 5.02
CA VAL B 171 -10.38 24.47 3.56
C VAL B 171 -10.06 22.99 3.35
N SER B 172 -10.60 22.38 2.34
CA SER B 172 -10.26 20.99 1.98
C SER B 172 -9.81 20.92 0.53
N SER B 173 -9.02 19.92 0.21
CA SER B 173 -8.58 19.72 -1.18
C SER B 173 -8.74 18.22 -1.48
N SER B 174 -8.75 17.87 -2.76
CA SER B 174 -8.99 16.48 -3.18
C SER B 174 -8.41 16.18 -4.55
N TYR B 175 -8.18 14.89 -4.78
CA TYR B 175 -7.83 14.41 -6.10
C TYR B 175 -8.90 14.73 -7.17
N ASP B 176 -10.06 15.21 -6.74
CA ASP B 176 -11.12 15.64 -7.68
C ASP B 176 -10.80 16.92 -8.42
N GLY B 177 -9.72 17.60 -7.96
CA GLY B 177 -9.21 18.82 -8.59
C GLY B 177 -9.75 20.07 -7.94
N LEU B 178 -10.46 19.92 -6.83
CA LEU B 178 -11.10 21.10 -6.23
C LEU B 178 -10.47 21.43 -4.89
N CYS B 179 -10.50 22.74 -4.54
CA CYS B 179 -10.36 23.18 -3.15
C CYS B 179 -11.70 23.78 -2.78
N ARG B 180 -12.18 23.47 -1.59
CA ARG B 180 -13.48 24.00 -1.20
C ARG B 180 -13.31 24.64 0.18
N ILE B 181 -14.10 25.67 0.46
CA ILE B 181 -14.03 26.32 1.77
C ILE B 181 -15.39 26.12 2.41
N TRP B 182 -15.37 25.71 3.68
CA TRP B 182 -16.60 25.34 4.41
C TRP B 182 -16.74 26.25 5.60
N ASP B 183 -17.98 26.55 5.96
CA ASP B 183 -18.25 27.24 7.23
C ASP B 183 -18.27 26.20 8.35
N THR B 184 -17.40 26.33 9.33
CA THR B 184 -17.29 25.30 10.39
C THR B 184 -18.59 25.09 11.14
N ALA B 185 -19.21 26.19 11.54
CA ALA B 185 -20.39 26.16 12.39
C ALA B 185 -21.51 25.35 11.78
N SER B 186 -21.71 25.51 10.49
CA SER B 186 -22.90 24.94 9.82
C SER B 186 -22.59 23.75 8.91
N GLY B 187 -21.34 23.65 8.49
CA GLY B 187 -20.93 22.61 7.54
C GLY B 187 -21.28 22.95 6.08
N GLN B 188 -21.73 24.19 5.83
CA GLN B 188 -22.11 24.54 4.47
C GLN B 188 -20.88 24.98 3.65
N CYS B 189 -20.91 24.75 2.33
CA CYS B 189 -19.81 25.10 1.48
C CYS B 189 -19.94 26.59 1.16
N LEU B 190 -18.88 27.35 1.39
CA LEU B 190 -18.90 28.81 1.13
C LEU B 190 -18.39 29.08 -0.28
N LYS B 191 -17.38 28.33 -0.72
CA LYS B 191 -16.70 28.65 -1.98
C LYS B 191 -15.98 27.43 -2.56
N THR B 192 -15.86 27.35 -3.88
CA THR B 192 -15.00 26.37 -4.53
C THR B 192 -13.94 27.14 -5.31
N LEU B 193 -12.67 26.77 -5.14
CA LEU B 193 -11.58 27.35 -5.95
C LEU B 193 -11.02 26.36 -6.99
N PRO B 199 -6.69 19.06 -12.40
CA PRO B 199 -5.48 18.34 -11.88
C PRO B 199 -5.64 18.11 -10.35
N PRO B 200 -5.33 16.89 -9.85
CA PRO B 200 -5.54 16.69 -8.38
C PRO B 200 -4.87 17.76 -7.53
N VAL B 201 -5.54 18.18 -6.45
CA VAL B 201 -4.96 19.16 -5.58
C VAL B 201 -4.49 18.30 -4.41
N SER B 202 -3.21 18.36 -4.11
CA SER B 202 -2.58 17.44 -3.21
C SER B 202 -2.36 17.99 -1.83
N PHE B 203 -2.56 19.31 -1.65
CA PHE B 203 -2.32 19.96 -0.34
C PHE B 203 -2.96 21.35 -0.44
N VAL B 204 -3.49 21.79 0.70
CA VAL B 204 -3.99 23.14 0.87
C VAL B 204 -3.85 23.56 2.32
N LYS B 205 -3.57 24.85 2.52
CA LYS B 205 -3.63 25.41 3.83
C LYS B 205 -3.82 26.94 3.79
N PHE B 206 -4.39 27.44 4.86
CA PHE B 206 -4.49 28.91 5.01
C PHE B 206 -3.16 29.51 5.43
N SER B 207 -2.92 30.75 5.02
CA SER B 207 -1.75 31.48 5.51
C SER B 207 -1.98 31.96 6.95
N PRO B 208 -0.89 32.23 7.71
CA PRO B 208 -1.06 32.50 9.14
C PRO B 208 -1.86 33.78 9.35
N ASN B 209 -1.85 34.69 8.37
CA ASN B 209 -2.62 35.96 8.46
C ASN B 209 -4.06 35.85 7.90
N GLY B 210 -4.41 34.64 7.48
CA GLY B 210 -5.80 34.32 7.09
C GLY B 210 -6.24 34.78 5.71
N LYS B 211 -5.44 35.61 5.04
CA LYS B 211 -5.82 36.15 3.71
C LYS B 211 -5.74 35.15 2.56
N TYR B 212 -4.83 34.18 2.66
CA TYR B 212 -4.46 33.43 1.49
C TYR B 212 -4.63 31.92 1.76
N ILE B 213 -4.81 31.19 0.68
CA ILE B 213 -4.73 29.73 0.72
C ILE B 213 -3.57 29.30 -0.21
N LEU B 214 -2.69 28.47 0.34
CA LEU B 214 -1.60 27.88 -0.47
C LEU B 214 -2.07 26.55 -0.90
N ALA B 215 -2.02 26.30 -2.21
CA ALA B 215 -2.49 25.02 -2.76
C ALA B 215 -1.44 24.37 -3.63
N ALA B 216 -1.21 23.09 -3.42
CA ALA B 216 -0.32 22.32 -4.29
C ALA B 216 -1.14 21.51 -5.29
N THR B 217 -0.67 21.39 -6.53
CA THR B 217 -1.33 20.51 -7.49
C THR B 217 -0.31 19.51 -8.05
N LEU B 218 -0.76 18.33 -8.47
CA LEU B 218 0.16 17.26 -8.90
C LEU B 218 0.65 17.47 -10.32
N ASP B 219 1.03 18.71 -10.58
CA ASP B 219 1.65 19.08 -11.86
C ASP B 219 2.82 20.03 -11.53
N ASN B 220 3.48 19.78 -10.38
CA ASN B 220 4.72 20.51 -9.99
C ASN B 220 4.52 22.01 -9.74
N THR B 221 3.37 22.36 -9.16
CA THR B 221 3.01 23.76 -8.98
C THR B 221 2.46 24.01 -7.59
N LEU B 222 2.91 25.08 -6.94
CA LEU B 222 2.25 25.64 -5.75
C LEU B 222 1.67 26.98 -6.15
N LYS B 223 0.47 27.27 -5.65
CA LYS B 223 -0.22 28.50 -5.97
C LYS B 223 -0.71 29.16 -4.70
N LEU B 224 -0.50 30.47 -4.65
CA LEU B 224 -1.11 31.28 -3.59
C LEU B 224 -2.44 31.89 -4.03
N TRP B 225 -3.55 31.54 -3.38
CA TRP B 225 -4.83 32.08 -3.80
C TRP B 225 -5.17 33.16 -2.82
N ASP B 226 -5.75 34.25 -3.31
CA ASP B 226 -6.51 35.13 -2.44
C ASP B 226 -7.92 34.61 -2.25
N TYR B 227 -8.26 34.31 -1.00
CA TYR B 227 -9.47 33.57 -0.66
C TYR B 227 -10.71 34.46 -0.95
N SER B 228 -10.71 35.71 -0.44
CA SER B 228 -11.81 36.69 -0.67
C SER B 228 -11.98 36.97 -2.15
N LYS B 229 -10.87 37.27 -2.82
CA LYS B 229 -10.91 37.64 -4.25
C LYS B 229 -11.18 36.44 -5.15
N GLY B 230 -10.98 35.22 -4.62
CA GLY B 230 -11.19 33.98 -5.37
C GLY B 230 -10.28 33.87 -6.59
N LYS B 231 -9.14 34.54 -6.57
CA LYS B 231 -8.24 34.54 -7.71
C LYS B 231 -6.82 34.11 -7.31
N CYS B 232 -6.10 33.51 -8.26
CA CYS B 232 -4.70 33.10 -8.05
C CYS B 232 -3.75 34.27 -8.13
N LEU B 233 -3.02 34.48 -7.06
CA LEU B 233 -2.08 35.60 -6.98
C LEU B 233 -0.66 35.26 -7.45
N LYS B 234 -0.13 34.13 -7.00
CA LYS B 234 1.28 33.78 -7.16
C LYS B 234 1.43 32.29 -7.42
N THR B 235 2.46 31.97 -8.18
CA THR B 235 2.77 30.61 -8.56
C THR B 235 4.24 30.36 -8.17
N TYR B 236 4.52 29.19 -7.60
CA TYR B 236 5.84 28.86 -7.22
C TYR B 236 6.18 27.56 -7.88
N THR B 237 7.29 27.54 -8.63
CA THR B 237 7.67 26.35 -9.37
C THR B 237 9.17 26.08 -9.26
N GLY B 238 9.62 24.96 -9.80
CA GLY B 238 11.02 24.62 -9.69
C GLY B 238 11.24 23.22 -9.18
N HIS B 239 10.31 22.80 -8.31
CA HIS B 239 10.43 21.58 -7.56
C HIS B 239 9.70 20.48 -8.33
N LYS B 240 9.68 19.25 -7.80
CA LYS B 240 8.99 18.20 -8.44
C LYS B 240 7.86 17.70 -7.58
N ASN B 241 6.62 17.70 -8.13
CA ASN B 241 5.52 17.12 -7.35
C ASN B 241 4.44 16.62 -8.28
N GLU B 242 4.52 15.33 -8.59
CA GLU B 242 3.54 14.72 -9.46
C GLU B 242 2.81 13.52 -8.91
N LYS B 243 3.25 13.02 -7.75
CA LYS B 243 2.84 11.69 -7.27
C LYS B 243 2.29 11.76 -5.82
N TYR B 244 2.87 12.63 -4.98
CA TYR B 244 2.58 12.53 -3.52
C TYR B 244 1.93 13.76 -2.99
N CYS B 245 1.19 13.59 -1.90
CA CYS B 245 0.63 14.71 -1.19
C CYS B 245 1.60 15.33 -0.20
N ILE B 246 2.40 16.26 -0.72
CA ILE B 246 3.52 16.90 0.04
C ILE B 246 3.08 18.14 0.75
N PHE B 247 3.40 18.24 2.05
CA PHE B 247 2.99 19.39 2.87
C PHE B 247 3.78 20.63 2.42
N ALA B 248 3.19 21.80 2.55
CA ALA B 248 3.91 23.03 2.25
C ALA B 248 3.63 23.99 3.42
N ASN B 249 4.47 25.00 3.58
CA ASN B 249 4.35 25.85 4.80
C ASN B 249 4.53 27.31 4.46
N PHE B 250 3.93 28.17 5.28
CA PHE B 250 4.28 29.62 5.30
C PHE B 250 5.29 29.76 6.43
N SER B 251 6.46 30.25 6.09
CA SER B 251 7.42 30.47 7.15
C SER B 251 7.36 32.00 7.43
N VAL B 252 6.92 32.39 8.63
CA VAL B 252 6.66 33.81 8.92
C VAL B 252 7.46 34.39 10.07
N THR B 253 8.28 33.57 10.72
CA THR B 253 9.00 34.00 11.92
C THR B 253 10.06 35.08 11.65
N GLY B 254 10.70 35.02 10.49
CA GLY B 254 11.72 36.00 10.09
C GLY B 254 11.23 36.58 8.80
N GLY B 255 11.90 36.27 7.69
CA GLY B 255 11.46 36.66 6.33
C GLY B 255 10.26 35.82 5.86
N LYS B 256 9.39 36.40 5.02
CA LYS B 256 8.21 35.68 4.53
C LYS B 256 8.56 34.71 3.42
N TRP B 257 8.54 33.42 3.77
CA TRP B 257 8.89 32.34 2.86
C TRP B 257 7.78 31.29 2.73
N ILE B 258 7.79 30.63 1.57
CA ILE B 258 7.06 29.39 1.29
C ILE B 258 8.07 28.25 1.31
N VAL B 259 7.73 27.14 2.00
CA VAL B 259 8.65 26.03 2.16
C VAL B 259 7.88 24.74 1.69
N SER B 260 8.51 23.88 0.90
CA SER B 260 7.86 22.62 0.49
C SER B 260 8.84 21.51 0.35
N GLY B 261 8.40 20.27 0.53
CA GLY B 261 9.18 19.12 0.08
C GLY B 261 9.13 18.97 -1.45
N SER B 262 9.82 17.98 -1.99
CA SER B 262 9.86 17.77 -3.43
C SER B 262 10.20 16.33 -3.71
N GLU B 263 9.76 15.82 -4.85
CA GLU B 263 10.06 14.44 -5.26
C GLU B 263 11.47 14.26 -5.82
N ASP B 264 12.26 15.35 -5.83
CA ASP B 264 13.70 15.19 -6.17
C ASP B 264 14.58 15.16 -4.91
N ASN B 265 13.93 14.90 -3.78
CA ASN B 265 14.60 14.68 -2.50
C ASN B 265 15.09 15.97 -1.83
N LEU B 266 14.67 17.13 -2.34
CA LEU B 266 15.07 18.45 -1.79
C LEU B 266 13.97 19.15 -0.98
N VAL B 267 14.36 20.01 -0.01
CA VAL B 267 13.40 20.99 0.52
C VAL B 267 13.58 22.21 -0.36
N TYR B 268 12.49 22.78 -0.85
CA TYR B 268 12.49 24.07 -1.57
C TYR B 268 11.98 25.24 -0.73
N ILE B 269 12.68 26.37 -0.81
CA ILE B 269 12.28 27.56 -0.08
C ILE B 269 12.17 28.74 -1.11
N TRP B 270 11.01 29.38 -1.18
CA TRP B 270 10.75 30.48 -2.14
C TRP B 270 10.56 31.78 -1.38
N ASN B 271 11.03 32.88 -1.96
CA ASN B 271 10.61 34.15 -1.41
C ASN B 271 9.13 34.31 -1.72
N LEU B 272 8.31 34.62 -0.72
CA LEU B 272 6.85 34.66 -0.93
C LEU B 272 6.40 35.71 -1.95
N GLN B 273 6.91 36.93 -1.81
CA GLN B 273 6.56 38.01 -2.77
C GLN B 273 7.19 37.85 -4.16
N THR B 274 8.49 37.56 -4.24
CA THR B 274 9.18 37.52 -5.54
C THR B 274 9.01 36.20 -6.32
N LYS B 275 8.75 35.08 -5.61
CA LYS B 275 8.58 33.75 -6.20
C LYS B 275 9.89 33.10 -6.61
N GLU B 276 11.01 33.76 -6.32
CA GLU B 276 12.31 33.21 -6.58
C GLU B 276 12.61 32.10 -5.57
N ILE B 277 13.26 31.04 -6.04
CA ILE B 277 13.82 30.02 -5.14
C ILE B 277 15.00 30.64 -4.43
N VAL B 278 14.95 30.70 -3.12
CA VAL B 278 16.04 31.34 -2.36
C VAL B 278 16.97 30.33 -1.69
N GLN B 279 16.46 29.10 -1.51
CA GLN B 279 17.30 28.05 -1.00
C GLN B 279 16.74 26.67 -1.38
N LYS B 280 17.61 25.70 -1.61
CA LYS B 280 17.24 24.29 -1.72
C LYS B 280 18.03 23.56 -0.66
N LEU B 281 17.33 22.87 0.25
CA LEU B 281 18.03 22.11 1.26
C LEU B 281 18.22 20.64 0.80
N GLN B 282 19.48 20.21 0.69
CA GLN B 282 19.84 18.90 0.14
C GLN B 282 20.42 17.98 1.21
N GLY B 283 20.20 16.66 1.08
CA GLY B 283 20.54 15.66 2.13
C GLY B 283 19.68 14.42 2.25
N HIS B 284 18.34 14.57 2.12
CA HIS B 284 17.46 13.41 2.10
C HIS B 284 17.73 12.52 0.86
N THR B 285 17.49 11.21 0.99
CA THR B 285 17.69 10.23 -0.08
C THR B 285 16.42 9.63 -0.71
N ASP B 286 15.30 10.28 -0.43
CA ASP B 286 14.02 9.86 -1.01
C ASP B 286 13.16 11.10 -0.96
N VAL B 287 11.97 11.01 -1.55
CA VAL B 287 11.00 12.10 -1.59
C VAL B 287 10.83 12.74 -0.23
N VAL B 288 10.91 14.05 -0.21
CA VAL B 288 10.63 14.81 0.98
C VAL B 288 9.13 15.01 1.07
N ILE B 289 8.47 14.19 1.89
CA ILE B 289 6.98 14.25 1.95
C ILE B 289 6.42 15.33 2.83
N SER B 290 7.20 15.78 3.83
CA SER B 290 6.62 16.65 4.85
C SER B 290 7.72 17.65 5.30
N THR B 291 7.29 18.89 5.45
CA THR B 291 8.10 19.94 6.12
C THR B 291 7.22 20.65 7.19
N ALA B 292 7.83 21.22 8.23
CA ALA B 292 7.08 21.99 9.23
C ALA B 292 7.99 23.18 9.63
N CYS B 293 7.39 24.32 9.99
CA CYS B 293 8.18 25.46 10.45
C CYS B 293 7.78 25.68 11.90
N HIS B 294 8.80 25.91 12.70
CA HIS B 294 8.70 26.27 14.14
C HIS B 294 7.85 27.55 14.40
N PRO B 295 7.13 27.59 15.54
CA PRO B 295 6.14 28.64 15.70
C PRO B 295 6.77 30.03 15.97
N THR B 296 7.99 30.03 16.47
CA THR B 296 8.55 31.32 16.91
C THR B 296 10.02 31.47 16.50
N GLU B 297 10.73 30.34 16.39
CA GLU B 297 12.13 30.35 15.85
C GLU B 297 12.22 30.04 14.35
N ASN B 298 13.30 30.45 13.67
CA ASN B 298 13.49 30.09 12.23
C ASN B 298 14.07 28.66 12.09
N ILE B 299 13.24 27.62 12.27
CA ILE B 299 13.73 26.23 12.29
C ILE B 299 12.76 25.39 11.40
N ILE B 300 13.34 24.55 10.56
CA ILE B 300 12.55 23.63 9.65
C ILE B 300 12.81 22.17 9.93
N ALA B 301 11.74 21.35 9.97
CA ALA B 301 11.89 19.92 10.02
C ALA B 301 11.38 19.36 8.69
N SER B 302 12.10 18.39 8.16
CA SER B 302 11.71 17.69 6.91
C SER B 302 11.80 16.18 7.11
N ALA B 303 10.98 15.43 6.40
CA ALA B 303 10.89 14.01 6.59
C ALA B 303 10.73 13.37 5.22
N ALA B 304 11.26 12.17 5.06
CA ALA B 304 11.31 11.51 3.76
C ALA B 304 10.80 10.05 3.75
N LEU B 305 10.67 9.55 2.52
CA LEU B 305 10.00 8.26 2.28
C LEU B 305 10.92 7.05 2.47
N GLU B 306 10.54 5.92 1.89
CA GLU B 306 11.07 4.57 2.25
C GLU B 306 12.61 4.38 2.16
N ASN B 307 13.24 4.96 1.15
CA ASN B 307 14.70 4.82 1.05
C ASN B 307 15.51 5.69 1.98
N ASP B 308 14.84 6.50 2.79
CA ASP B 308 15.44 7.42 3.70
C ASP B 308 14.96 7.14 5.13
N LYS B 309 13.66 7.40 5.41
CA LYS B 309 13.00 7.09 6.70
C LYS B 309 13.48 7.99 7.85
N THR B 310 14.15 9.08 7.53
CA THR B 310 14.59 9.99 8.56
C THR B 310 13.96 11.35 8.49
N ILE B 311 14.18 12.09 9.56
CA ILE B 311 13.72 13.43 9.78
C ILE B 311 14.94 14.33 9.96
N LYS B 312 14.96 15.46 9.25
CA LYS B 312 16.00 16.49 9.41
C LYS B 312 15.52 17.79 10.02
N LEU B 313 16.43 18.41 10.79
CA LEU B 313 16.14 19.67 11.46
C LEU B 313 17.09 20.70 10.88
N TRP B 314 16.57 21.85 10.51
CA TRP B 314 17.45 22.92 9.94
C TRP B 314 17.20 24.27 10.62
N LYS B 315 18.25 25.11 10.79
CA LYS B 315 18.06 26.44 11.46
C LYS B 315 18.60 27.61 10.61
N SER B 316 17.87 28.74 10.56
CA SER B 316 18.29 29.95 9.79
C SER B 316 18.36 31.17 10.72
N ASP B 317 19.14 32.20 10.36
CA ASP B 317 19.09 33.46 11.13
C ASP B 317 17.97 34.44 10.73
N CYS B 318 17.41 34.29 9.50
CA CYS B 318 16.20 35.05 9.11
C CYS B 318 15.13 34.23 8.33
N ALA C 2 10.99 -14.56 -1.02
CA ALA C 2 10.34 -14.27 0.28
C ALA C 2 9.23 -15.21 0.67
N ARG C 3 8.44 -15.73 -0.32
CA ARG C 3 7.37 -16.65 0.03
C ARG C 3 7.85 -17.91 0.81
N THR C 4 9.10 -18.32 0.65
CA THR C 4 9.56 -19.50 1.25
C THR C 4 10.13 -19.29 2.68
N LYS C 5 10.08 -18.07 3.15
CA LYS C 5 10.65 -17.74 4.49
C LYS C 5 9.58 -17.37 5.53
N ALA D 2 -1.09 5.71 3.85
CA ALA D 2 -1.39 5.96 2.43
C ALA D 2 -0.61 7.13 1.87
N ARG D 3 -0.30 8.15 2.68
CA ARG D 3 0.42 9.32 2.16
C ARG D 3 1.81 8.92 1.60
N THR D 4 2.35 7.82 2.12
CA THR D 4 3.68 7.42 1.72
C THR D 4 3.68 6.66 0.41
N LYS D 5 2.48 6.48 -0.19
CA LYS D 5 2.34 5.66 -1.43
C LYS D 5 2.06 6.48 -2.69
#